data_7V2Z
#
_entry.id   7V2Z
#
_cell.length_a   52.620
_cell.length_b   72.356
_cell.length_c   59.507
_cell.angle_alpha   90.000
_cell.angle_beta   94.154
_cell.angle_gamma   90.000
#
_symmetry.space_group_name_H-M   'P 1 21 1'
#
loop_
_entity.id
_entity.type
_entity.pdbx_description
1 polymer 'Core protein'
2 polymer "RNA (5'-R(*AP*GP*AP*UP*C)-3')"
3 non-polymer 'MANGANESE (II) ION'
4 non-polymer "ADENOSINE-5'-TRIPHOSPHATE"
5 water water
#
loop_
_entity_poly.entity_id
_entity_poly.type
_entity_poly.pdbx_seq_one_letter_code
_entity_poly.pdbx_strand_id
1 'polypeptide(L)'
;CFEPSMLKKKQLTVLDLHPGAGKTRRVLPEIVREAIKTRLRTVILAPTRVVAAEMEEALRGLPVRYMTTAVNVTHSGTEI
VDLMCHATFTSRLLQPIRVPNYNLYIMDEAHFTDPSSIAARGYISTRVEMGEAAAIFMTATPPGTRDAFPDSNSPIMDTE
VEVPERAWSSGFDWVTDHSGKTVWFVPSVRNGNEIAACLTKAGKRVIQLSRKTFETEFQKTKHQEWDFVVTTDISEMGAN
FKADRVIDSRRCLKPVILDGERVILAGPMPVTHASAAQRRGRIGRNPNKPGDEYLYGGGCAETDEDHAHWLEARMLLDNI
YLQDGLIASLYRPEADKVAAIEGEFKLRTEQRKTFVELMKRGDLPVWLAYQVASAGITYTDRRWCFDGTTNNTIMEDSVP
AEVWTRHGEKRVLKPRWMDARVCSDHAALKSFKEFAAGKR
;
A
2 'polyribonucleotide' AGAUC B
#
loop_
_chem_comp.id
_chem_comp.type
_chem_comp.name
_chem_comp.formula
A RNA linking ADENOSINE-5'-MONOPHOSPHATE 'C10 H14 N5 O7 P'
ATP non-polymer ADENOSINE-5'-TRIPHOSPHATE 'C10 H16 N5 O13 P3'
C RNA linking CYTIDINE-5'-MONOPHOSPHATE 'C9 H14 N3 O8 P'
G RNA linking GUANOSINE-5'-MONOPHOSPHATE 'C10 H14 N5 O8 P'
MN non-polymer 'MANGANESE (II) ION' 'Mn 2'
U RNA linking URIDINE-5'-MONOPHOSPHATE 'C9 H13 N2 O9 P'
#
# COMPACT_ATOMS: atom_id res chain seq x y z
N CYS A 1 -10.23 21.91 -8.96
CA CYS A 1 -9.17 21.51 -9.89
C CYS A 1 -7.91 22.36 -9.68
N PHE A 2 -6.84 22.01 -10.40
CA PHE A 2 -5.52 22.57 -10.14
C PHE A 2 -5.32 23.93 -10.79
N GLU A 3 -4.60 24.81 -10.09
CA GLU A 3 -4.18 26.10 -10.61
C GLU A 3 -2.81 26.42 -10.03
N PRO A 4 -1.93 27.10 -10.80
CA PRO A 4 -0.57 27.39 -10.34
C PRO A 4 -0.47 28.07 -8.98
N SER A 5 -1.53 28.77 -8.58
CA SER A 5 -1.58 29.37 -7.26
C SER A 5 -1.23 28.37 -6.17
N MET A 6 -1.62 27.10 -6.36
CA MET A 6 -1.40 26.08 -5.34
C MET A 6 0.06 25.67 -5.22
N LEU A 7 0.98 26.28 -5.99
CA LEU A 7 2.39 25.92 -5.91
C LEU A 7 3.19 26.84 -4.99
N LYS A 8 2.52 27.61 -4.15
CA LYS A 8 3.19 28.50 -3.20
C LYS A 8 3.34 27.84 -1.83
N LYS A 9 4.41 28.19 -1.12
CA LYS A 9 4.66 27.65 0.22
C LYS A 9 3.46 27.88 1.12
N LYS A 10 3.34 27.04 2.14
CA LYS A 10 2.25 27.06 3.12
C LYS A 10 0.91 26.64 2.54
N GLN A 11 0.86 26.17 1.29
CA GLN A 11 -0.37 25.67 0.71
C GLN A 11 -0.34 24.14 0.64
N LEU A 12 -1.25 23.48 1.36
CA LEU A 12 -1.54 22.08 1.12
C LEU A 12 -2.89 22.00 0.42
N THR A 13 -2.91 21.45 -0.78
CA THR A 13 -4.14 21.25 -1.53
C THR A 13 -4.43 19.76 -1.66
N VAL A 14 -5.65 19.37 -1.31
CA VAL A 14 -6.15 18.01 -1.55
C VAL A 14 -7.05 18.06 -2.78
N LEU A 15 -6.63 17.43 -3.87
CA LEU A 15 -7.44 17.33 -5.08
C LEU A 15 -8.30 16.07 -5.00
N ASP A 16 -9.57 16.23 -4.65
CA ASP A 16 -10.54 15.14 -4.69
C ASP A 16 -10.91 14.88 -6.14
N LEU A 17 -10.28 13.88 -6.75
CA LEU A 17 -10.53 13.55 -8.14
C LEU A 17 -11.03 12.11 -8.22
N HIS A 18 -12.26 11.94 -8.70
CA HIS A 18 -12.90 10.64 -8.69
C HIS A 18 -12.17 9.68 -9.64
N PRO A 19 -12.35 8.37 -9.46
CA PRO A 19 -11.68 7.42 -10.35
C PRO A 19 -12.05 7.70 -11.81
N GLY A 20 -11.03 7.70 -12.67
CA GLY A 20 -11.19 7.98 -14.08
C GLY A 20 -11.12 9.43 -14.48
N ALA A 21 -11.01 10.35 -13.53
CA ALA A 21 -11.08 11.78 -13.85
C ALA A 21 -9.77 12.36 -14.39
N GLY A 22 -8.66 11.64 -14.33
CA GLY A 22 -7.42 12.13 -14.90
C GLY A 22 -6.25 12.48 -13.94
N LYS A 23 -6.29 12.04 -12.68
CA LYS A 23 -5.23 12.38 -11.73
C LYS A 23 -3.84 12.13 -12.30
N THR A 24 -3.63 10.94 -12.83
CA THR A 24 -2.31 10.54 -13.29
C THR A 24 -2.02 11.00 -14.71
N ARG A 25 -2.96 10.83 -15.64
CA ARG A 25 -2.66 11.08 -17.05
C ARG A 25 -2.95 12.51 -17.48
N ARG A 26 -3.60 13.32 -16.65
CA ARG A 26 -3.92 14.68 -17.03
C ARG A 26 -3.43 15.70 -16.01
N VAL A 27 -3.85 15.54 -14.74
CA VAL A 27 -3.55 16.57 -13.74
C VAL A 27 -2.08 16.51 -13.35
N LEU A 28 -1.53 15.31 -13.13
CA LEU A 28 -0.12 15.21 -12.75
C LEU A 28 0.81 15.87 -13.77
N PRO A 29 0.76 15.53 -15.08
CA PRO A 29 1.59 16.28 -16.04
C PRO A 29 1.42 17.78 -15.97
N GLU A 30 0.17 18.24 -15.86
CA GLU A 30 -0.11 19.67 -15.74
C GLU A 30 0.64 20.28 -14.56
N ILE A 31 0.63 19.62 -13.41
CA ILE A 31 1.35 20.14 -12.25
C ILE A 31 2.85 20.11 -12.51
N VAL A 32 3.35 19.00 -13.06
CA VAL A 32 4.79 18.83 -13.20
C VAL A 32 5.35 19.81 -14.23
N ARG A 33 4.59 20.07 -15.32
CA ARG A 33 5.05 21.03 -16.32
C ARG A 33 5.19 22.42 -15.73
N GLU A 34 4.26 22.81 -14.87
CA GLU A 34 4.34 24.13 -14.24
C GLU A 34 5.50 24.21 -13.27
N ALA A 35 5.77 23.12 -12.54
CA ALA A 35 6.91 23.11 -11.63
C ALA A 35 8.22 23.15 -12.40
N ILE A 36 8.27 22.47 -13.54
CA ILE A 36 9.47 22.51 -14.37
C ILE A 36 9.67 23.91 -14.95
N LYS A 37 8.59 24.51 -15.47
CA LYS A 37 8.66 25.89 -15.97
C LYS A 37 9.19 26.85 -14.92
N THR A 38 8.65 26.77 -13.71
CA THR A 38 8.99 27.68 -12.61
C THR A 38 10.15 27.18 -11.76
N ARG A 39 10.82 26.10 -12.18
CA ARG A 39 12.05 25.60 -11.55
C ARG A 39 11.86 25.31 -10.05
N LEU A 40 10.73 24.69 -9.70
CA LEU A 40 10.48 24.31 -8.30
C LEU A 40 11.07 22.92 -8.04
N ARG A 41 11.84 22.80 -6.96
CA ARG A 41 12.35 21.49 -6.53
C ARG A 41 11.17 20.63 -6.10
N THR A 42 10.90 19.57 -6.85
CA THR A 42 9.65 18.83 -6.70
C THR A 42 9.93 17.35 -6.54
N VAL A 43 9.18 16.70 -5.66
CA VAL A 43 9.16 15.24 -5.57
C VAL A 43 7.74 14.75 -5.86
N ILE A 44 7.65 13.79 -6.78
CA ILE A 44 6.42 13.08 -7.08
C ILE A 44 6.46 11.76 -6.34
N LEU A 45 5.41 11.48 -5.57
CA LEU A 45 5.32 10.26 -4.77
C LEU A 45 4.27 9.32 -5.35
N ALA A 46 4.71 8.20 -5.93
CA ALA A 46 3.87 7.12 -6.43
C ALA A 46 3.71 6.06 -5.34
N PRO A 47 2.54 5.48 -5.15
CA PRO A 47 2.40 4.48 -4.08
C PRO A 47 3.10 3.17 -4.39
N THR A 48 3.29 2.83 -5.67
CA THR A 48 3.81 1.52 -6.07
C THR A 48 4.67 1.68 -7.32
N ARG A 49 5.53 0.69 -7.55
CA ARG A 49 6.32 0.65 -8.77
C ARG A 49 5.40 0.74 -10.00
N VAL A 50 4.27 0.05 -9.95
CA VAL A 50 3.40 -0.01 -11.12
C VAL A 50 2.91 1.39 -11.48
N VAL A 51 2.39 2.12 -10.49
CA VAL A 51 1.91 3.48 -10.70
C VAL A 51 3.04 4.40 -11.12
N ALA A 52 4.25 4.15 -10.61
CA ALA A 52 5.40 4.91 -11.07
C ALA A 52 5.66 4.69 -12.55
N ALA A 53 5.58 3.44 -13.01
CA ALA A 53 5.73 3.16 -14.44
C ALA A 53 4.62 3.82 -15.24
N GLU A 54 3.40 3.80 -14.72
CA GLU A 54 2.32 4.54 -15.36
C GLU A 54 2.62 6.03 -15.38
N MET A 55 3.23 6.55 -14.31
CA MET A 55 3.55 7.97 -14.26
C MET A 55 4.58 8.35 -15.32
N GLU A 56 5.61 7.52 -15.53
CA GLU A 56 6.62 7.86 -16.53
C GLU A 56 6.02 7.90 -17.93
N GLU A 57 5.15 6.94 -18.25
CA GLU A 57 4.37 7.01 -19.49
C GLU A 57 3.74 8.38 -19.66
N ALA A 58 3.01 8.84 -18.64
CA ALA A 58 2.31 10.12 -18.76
C ALA A 58 3.28 11.30 -18.75
N LEU A 59 4.46 11.13 -18.16
CA LEU A 59 5.45 12.20 -18.09
C LEU A 59 6.56 12.02 -19.12
N ARG A 60 6.34 11.18 -20.15
CA ARG A 60 7.38 10.81 -21.11
C ARG A 60 8.06 12.04 -21.69
N GLY A 61 9.40 12.02 -21.68
CA GLY A 61 10.18 13.12 -22.21
C GLY A 61 10.41 14.30 -21.30
N LEU A 62 9.68 14.40 -20.20
CA LEU A 62 9.95 15.49 -19.28
C LEU A 62 11.19 15.17 -18.44
N PRO A 63 11.93 16.20 -18.02
CA PRO A 63 13.16 15.99 -17.21
C PRO A 63 12.88 15.63 -15.75
N VAL A 64 12.60 14.34 -15.53
CA VAL A 64 12.28 13.84 -14.20
C VAL A 64 13.33 12.81 -13.81
N ARG A 65 13.94 13.01 -12.64
CA ARG A 65 14.87 12.03 -12.11
C ARG A 65 14.07 10.93 -11.42
N TYR A 66 14.04 9.74 -12.04
CA TYR A 66 13.30 8.61 -11.51
C TYR A 66 14.19 7.85 -10.54
N MET A 67 13.88 7.99 -9.24
CA MET A 67 14.62 7.28 -8.20
C MET A 67 13.90 5.98 -7.85
N THR A 68 13.70 5.19 -8.91
CA THR A 68 13.10 3.86 -8.84
C THR A 68 13.64 3.04 -10.01
N THR A 69 13.86 1.74 -9.78
CA THR A 69 14.28 0.88 -10.87
C THR A 69 13.13 0.49 -11.80
N ALA A 70 11.88 0.76 -11.40
CA ALA A 70 10.73 0.52 -12.25
C ALA A 70 10.76 1.33 -13.53
N VAL A 71 11.67 2.30 -13.63
CA VAL A 71 11.79 3.18 -14.79
C VAL A 71 13.28 3.29 -15.12
N ASN A 72 13.61 3.28 -16.42
CA ASN A 72 15.00 3.42 -16.86
C ASN A 72 15.05 4.40 -18.04
N VAL A 73 15.44 5.64 -17.76
CA VAL A 73 15.60 6.67 -18.78
C VAL A 73 16.97 7.30 -18.58
N THR A 74 17.42 8.05 -19.58
CA THR A 74 18.69 8.76 -19.47
C THR A 74 18.46 10.07 -18.72
N HIS A 75 19.26 10.29 -17.67
CA HIS A 75 19.14 11.48 -16.83
C HIS A 75 20.15 12.53 -17.26
N SER A 76 19.68 13.76 -17.45
CA SER A 76 20.56 14.84 -17.87
C SER A 76 21.49 15.27 -16.74
N GLY A 77 21.03 15.20 -15.49
CA GLY A 77 21.72 15.78 -14.38
C GLY A 77 21.20 17.14 -13.95
N THR A 78 20.54 17.86 -14.86
CA THR A 78 19.88 19.11 -14.51
C THR A 78 18.47 18.92 -13.98
N GLU A 79 18.07 17.67 -13.69
CA GLU A 79 16.70 17.41 -13.28
C GLU A 79 16.48 17.94 -11.87
N ILE A 80 15.45 18.78 -11.72
CA ILE A 80 15.03 19.29 -10.42
C ILE A 80 13.79 18.60 -9.90
N VAL A 81 13.24 17.62 -10.65
CA VAL A 81 12.05 16.91 -10.24
C VAL A 81 12.43 15.45 -10.03
N ASP A 82 12.10 14.93 -8.86
CA ASP A 82 12.35 13.54 -8.49
C ASP A 82 11.03 12.78 -8.44
N LEU A 83 11.09 11.50 -8.80
CA LEU A 83 9.96 10.58 -8.70
C LEU A 83 10.39 9.33 -7.96
N MET A 84 9.66 8.96 -6.91
CA MET A 84 9.94 7.75 -6.14
C MET A 84 8.66 7.25 -5.49
N CYS A 85 8.73 6.05 -4.92
CA CYS A 85 7.57 5.51 -4.26
C CYS A 85 7.45 6.04 -2.83
N HIS A 86 6.25 5.93 -2.27
CA HIS A 86 5.99 6.47 -0.94
C HIS A 86 6.99 5.91 0.08
N ALA A 87 7.19 4.59 0.05
CA ALA A 87 8.06 3.93 1.01
C ALA A 87 9.51 4.32 0.82
N THR A 88 9.93 4.55 -0.43
CA THR A 88 11.29 5.00 -0.69
C THR A 88 11.53 6.36 -0.08
N PHE A 89 10.59 7.28 -0.26
CA PHE A 89 10.68 8.62 0.33
C PHE A 89 10.81 8.55 1.84
N THR A 90 9.94 7.76 2.49
CA THR A 90 9.98 7.69 3.95
C THR A 90 11.26 7.03 4.43
N SER A 91 11.69 5.94 3.78
CA SER A 91 12.94 5.27 4.15
C SER A 91 14.12 6.23 4.08
N ARG A 92 14.19 7.03 3.03
CA ARG A 92 15.29 7.99 2.90
C ARG A 92 15.23 9.07 3.99
N LEU A 93 14.02 9.47 4.42
CA LEU A 93 13.89 10.40 5.54
C LEU A 93 14.51 9.84 6.80
N LEU A 94 14.58 8.51 6.90
CA LEU A 94 15.11 7.85 8.09
C LEU A 94 16.62 7.73 8.05
N GLN A 95 17.25 7.87 6.89
CA GLN A 95 18.69 7.68 6.83
C GLN A 95 19.42 8.94 7.31
N PRO A 96 20.64 8.78 7.83
CA PRO A 96 21.45 9.96 8.20
C PRO A 96 22.05 10.65 6.97
N ILE A 97 21.19 11.21 6.13
CA ILE A 97 21.59 11.60 4.78
C ILE A 97 21.06 12.99 4.44
N ARG A 98 21.16 13.38 3.16
CA ARG A 98 20.77 14.72 2.75
C ARG A 98 19.47 14.60 1.92
N VAL A 99 18.33 14.74 2.60
CA VAL A 99 17.07 14.86 1.89
C VAL A 99 16.98 16.25 1.30
N PRO A 100 16.74 16.42 0.00
CA PRO A 100 16.59 17.77 -0.56
C PRO A 100 15.49 18.53 0.15
N ASN A 101 15.60 19.85 0.13
CA ASN A 101 14.53 20.69 0.68
C ASN A 101 13.52 20.97 -0.44
N TYR A 102 12.83 19.90 -0.83
CA TYR A 102 11.79 19.98 -1.85
C TYR A 102 10.84 21.10 -1.48
N ASN A 103 10.50 21.93 -2.48
CA ASN A 103 9.51 22.98 -2.27
C ASN A 103 8.11 22.47 -2.52
N LEU A 104 7.98 21.43 -3.34
CA LEU A 104 6.69 20.91 -3.75
C LEU A 104 6.70 19.41 -3.57
N TYR A 105 5.73 18.90 -2.81
CA TYR A 105 5.48 17.47 -2.71
C TYR A 105 4.18 17.15 -3.44
N ILE A 106 4.23 16.19 -4.37
CA ILE A 106 3.04 15.71 -5.08
C ILE A 106 2.87 14.23 -4.75
N MET A 107 1.82 13.91 -4.00
CA MET A 107 1.54 12.52 -3.64
C MET A 107 0.29 12.08 -4.38
N ASP A 108 0.44 11.10 -5.25
CA ASP A 108 -0.71 10.45 -5.87
C ASP A 108 -1.17 9.29 -5.00
N GLU A 109 -2.49 9.02 -5.03
CA GLU A 109 -3.12 8.03 -4.13
C GLU A 109 -2.80 8.36 -2.67
N ALA A 110 -3.11 9.56 -2.27
CA ALA A 110 -2.89 10.04 -0.91
C ALA A 110 -3.88 9.44 0.10
N HIS A 111 -4.64 8.40 -0.24
CA HIS A 111 -5.41 7.63 0.73
C HIS A 111 -4.68 6.38 1.17
N PHE A 112 -3.60 5.99 0.49
CA PHE A 112 -2.87 4.75 0.78
C PHE A 112 -2.53 4.67 2.26
N THR A 113 -2.85 3.53 2.89
CA THR A 113 -2.63 3.33 4.32
C THR A 113 -1.45 2.43 4.63
N ASP A 114 -0.57 2.15 3.66
CA ASP A 114 0.76 1.65 4.00
C ASP A 114 1.36 2.54 5.09
N PRO A 115 2.04 1.97 6.10
CA PRO A 115 2.57 2.84 7.17
C PRO A 115 3.52 3.90 6.65
N SER A 116 4.26 3.61 5.59
CA SER A 116 5.20 4.58 5.05
C SER A 116 4.48 5.72 4.33
N SER A 117 3.30 5.47 3.74
CA SER A 117 2.52 6.54 3.15
C SER A 117 1.91 7.45 4.20
N ILE A 118 1.38 6.86 5.28
CA ILE A 118 0.82 7.64 6.36
C ILE A 118 1.89 8.54 6.96
N ALA A 119 3.08 7.96 7.20
CA ALA A 119 4.19 8.72 7.77
C ALA A 119 4.63 9.83 6.83
N ALA A 120 4.63 9.56 5.52
CA ALA A 120 5.01 10.62 4.58
C ALA A 120 4.02 11.77 4.61
N ARG A 121 2.72 11.49 4.69
CA ARG A 121 1.73 12.57 4.78
C ARG A 121 1.94 13.40 6.04
N GLY A 122 2.26 12.73 7.15
CA GLY A 122 2.55 13.47 8.38
C GLY A 122 3.75 14.39 8.23
N TYR A 123 4.86 13.85 7.72
CA TYR A 123 6.05 14.68 7.51
C TYR A 123 5.73 15.85 6.57
N ILE A 124 5.12 15.54 5.42
CA ILE A 124 4.86 16.56 4.41
C ILE A 124 3.90 17.62 4.93
N SER A 125 2.80 17.21 5.57
CA SER A 125 1.84 18.22 6.03
C SER A 125 2.42 19.06 7.15
N THR A 126 3.26 18.47 8.01
CA THR A 126 3.95 19.25 9.02
C THR A 126 4.86 20.29 8.39
N ARG A 127 5.63 19.89 7.37
CA ARG A 127 6.51 20.85 6.69
C ARG A 127 5.72 21.94 5.98
N VAL A 128 4.55 21.63 5.45
CA VAL A 128 3.73 22.68 4.86
C VAL A 128 3.26 23.62 5.96
N GLU A 129 2.75 23.07 7.06
CA GLU A 129 2.25 23.87 8.17
C GLU A 129 3.32 24.74 8.81
N MET A 130 4.60 24.37 8.68
CA MET A 130 5.67 25.20 9.21
C MET A 130 6.09 26.28 8.24
N GLY A 131 5.53 26.30 7.03
CA GLY A 131 5.83 27.31 6.03
C GLY A 131 6.95 26.95 5.09
N GLU A 132 7.40 25.71 5.10
CA GLU A 132 8.60 25.33 4.38
C GLU A 132 8.35 24.88 2.95
N ALA A 133 7.10 24.55 2.59
CA ALA A 133 6.91 23.83 1.33
C ALA A 133 5.45 23.90 0.91
N ALA A 134 5.21 23.49 -0.34
CA ALA A 134 3.88 23.27 -0.89
C ALA A 134 3.64 21.78 -1.14
N ALA A 135 2.38 21.38 -1.07
CA ALA A 135 2.06 19.97 -1.24
C ALA A 135 0.72 19.83 -1.92
N ILE A 136 0.60 18.81 -2.76
CA ILE A 136 -0.66 18.44 -3.39
C ILE A 136 -0.90 16.96 -3.14
N PHE A 137 -2.01 16.65 -2.46
CA PHE A 137 -2.46 15.29 -2.24
C PHE A 137 -3.59 15.00 -3.23
N MET A 138 -3.43 13.98 -4.07
CA MET A 138 -4.47 13.55 -5.01
C MET A 138 -5.00 12.18 -4.62
N THR A 139 -6.32 12.07 -4.48
CA THR A 139 -6.98 10.77 -4.34
C THR A 139 -8.45 10.93 -4.62
N ALA A 140 -9.11 9.78 -4.82
CA ALA A 140 -10.56 9.77 -4.92
C ALA A 140 -11.24 9.89 -3.56
N THR A 141 -10.53 9.60 -2.47
CA THR A 141 -11.12 9.59 -1.13
C THR A 141 -10.16 10.27 -0.17
N PRO A 142 -10.23 11.59 -0.08
CA PRO A 142 -9.34 12.34 0.83
C PRO A 142 -9.45 11.82 2.25
N PRO A 143 -8.32 11.68 2.94
CA PRO A 143 -8.35 11.20 4.34
C PRO A 143 -9.32 12.03 5.18
N GLY A 144 -10.10 11.36 6.02
CA GLY A 144 -11.14 12.02 6.79
C GLY A 144 -12.51 11.99 6.15
N THR A 145 -12.64 11.58 4.88
CA THR A 145 -13.93 11.46 4.23
C THR A 145 -14.27 9.98 4.01
N ARG A 146 -15.57 9.65 4.06
CA ARG A 146 -16.00 8.24 4.05
C ARG A 146 -17.14 8.01 3.03
N ASP A 147 -16.85 8.30 1.76
CA ASP A 147 -17.80 8.07 0.66
C ASP A 147 -17.30 6.92 -0.20
N ALA A 148 -17.99 5.78 -0.12
CA ALA A 148 -17.62 4.60 -0.89
C ALA A 148 -18.11 4.65 -2.34
N PHE A 149 -18.88 5.67 -2.72
CA PHE A 149 -19.51 5.72 -4.04
C PHE A 149 -19.20 7.06 -4.70
N PRO A 150 -17.92 7.33 -5.04
CA PRO A 150 -17.58 8.59 -5.73
C PRO A 150 -18.09 8.64 -7.16
N ASP A 151 -17.89 9.77 -7.82
CA ASP A 151 -18.36 9.95 -9.18
C ASP A 151 -17.55 9.07 -10.14
N SER A 152 -18.03 8.99 -11.37
CA SER A 152 -17.46 8.12 -12.38
C SER A 152 -17.74 8.73 -13.74
N ASN A 153 -16.97 8.29 -14.74
CA ASN A 153 -17.18 8.83 -16.07
C ASN A 153 -18.51 8.37 -16.64
N SER A 154 -19.02 7.23 -16.20
CA SER A 154 -20.28 6.71 -16.64
C SER A 154 -21.05 6.19 -15.43
N PRO A 155 -22.37 6.37 -15.41
CA PRO A 155 -23.15 5.98 -14.22
C PRO A 155 -22.96 4.52 -13.88
N ILE A 156 -22.83 4.25 -12.59
CA ILE A 156 -22.63 2.91 -12.08
C ILE A 156 -23.89 2.47 -11.36
N MET A 157 -24.33 1.24 -11.61
CA MET A 157 -25.46 0.68 -10.88
C MET A 157 -24.92 -0.12 -9.69
N ASP A 158 -25.20 0.35 -8.47
CA ASP A 158 -24.71 -0.25 -7.24
C ASP A 158 -25.79 -1.11 -6.59
N THR A 159 -25.45 -2.35 -6.25
CA THR A 159 -26.44 -3.28 -5.73
C THR A 159 -25.82 -4.13 -4.65
N GLU A 160 -26.40 -4.11 -3.45
CA GLU A 160 -25.94 -4.96 -2.37
C GLU A 160 -26.65 -6.30 -2.44
N VAL A 161 -25.87 -7.37 -2.47
CA VAL A 161 -26.34 -8.74 -2.65
C VAL A 161 -25.50 -9.62 -1.74
N GLU A 162 -25.91 -10.88 -1.62
CA GLU A 162 -25.05 -11.85 -0.97
C GLU A 162 -23.98 -12.30 -1.95
N VAL A 163 -22.72 -12.02 -1.63
CA VAL A 163 -21.59 -12.34 -2.51
C VAL A 163 -20.96 -13.63 -2.01
N PRO A 164 -20.87 -14.67 -2.83
CA PRO A 164 -20.24 -15.90 -2.36
C PRO A 164 -18.77 -15.67 -2.07
N GLU A 165 -18.29 -16.29 -0.99
CA GLU A 165 -16.89 -16.20 -0.59
C GLU A 165 -16.21 -17.57 -0.54
N ARG A 166 -16.94 -18.61 -0.95
CA ARG A 166 -16.40 -19.96 -1.07
C ARG A 166 -16.90 -20.55 -2.39
N ALA A 167 -16.36 -21.71 -2.76
CA ALA A 167 -16.89 -22.42 -3.92
C ALA A 167 -18.37 -22.76 -3.70
N TRP A 168 -19.15 -22.63 -4.75
CA TRP A 168 -20.59 -22.87 -4.67
C TRP A 168 -21.02 -23.79 -5.79
N SER A 169 -22.13 -24.48 -5.55
CA SER A 169 -22.75 -25.33 -6.55
C SER A 169 -24.14 -24.87 -6.94
N SER A 170 -24.69 -23.89 -6.24
CA SER A 170 -26.04 -23.38 -6.49
C SER A 170 -26.24 -22.12 -5.67
N GLY A 171 -27.25 -21.36 -6.04
CA GLY A 171 -27.69 -20.23 -5.26
C GLY A 171 -27.10 -18.89 -5.66
N PHE A 172 -26.34 -18.85 -6.75
CA PHE A 172 -25.64 -17.65 -7.19
C PHE A 172 -25.62 -17.59 -8.70
N ASP A 173 -26.75 -17.91 -9.32
CA ASP A 173 -26.81 -18.00 -10.77
C ASP A 173 -26.41 -16.69 -11.41
N TRP A 174 -26.66 -15.57 -10.73
CA TRP A 174 -26.36 -14.26 -11.30
C TRP A 174 -24.87 -14.08 -11.53
N VAL A 175 -24.02 -14.78 -10.78
CA VAL A 175 -22.58 -14.70 -11.02
C VAL A 175 -22.25 -15.24 -12.41
N THR A 176 -22.75 -16.44 -12.72
CA THR A 176 -22.34 -17.11 -13.94
C THR A 176 -23.27 -16.86 -15.12
N ASP A 177 -24.51 -16.41 -14.88
CA ASP A 177 -25.37 -16.05 -15.99
C ASP A 177 -24.83 -14.85 -16.77
N HIS A 178 -23.88 -14.11 -16.20
CA HIS A 178 -23.37 -12.90 -16.81
C HIS A 178 -22.53 -13.21 -18.05
N SER A 179 -22.74 -12.44 -19.12
CA SER A 179 -21.99 -12.66 -20.35
C SER A 179 -20.93 -11.59 -20.60
N GLY A 180 -20.70 -10.70 -19.64
CA GLY A 180 -19.72 -9.63 -19.80
C GLY A 180 -18.37 -9.99 -19.22
N LYS A 181 -17.72 -9.00 -18.62
CA LYS A 181 -16.40 -9.19 -18.03
C LYS A 181 -16.41 -8.65 -16.61
N THR A 182 -15.94 -9.45 -15.66
CA THR A 182 -16.09 -9.17 -14.24
C THR A 182 -14.73 -9.12 -13.55
N VAL A 183 -14.53 -8.08 -12.75
CA VAL A 183 -13.38 -7.98 -11.84
C VAL A 183 -13.92 -8.24 -10.45
N TRP A 184 -13.36 -9.24 -9.79
CA TRP A 184 -13.86 -9.74 -8.51
C TRP A 184 -12.75 -9.57 -7.48
N PHE A 185 -12.97 -8.71 -6.48
CA PHE A 185 -11.97 -8.48 -5.45
C PHE A 185 -12.19 -9.45 -4.28
N VAL A 186 -11.13 -10.16 -3.90
CA VAL A 186 -11.18 -11.19 -2.87
C VAL A 186 -10.21 -10.79 -1.76
N PRO A 187 -10.41 -11.30 -0.53
CA PRO A 187 -9.54 -10.87 0.57
C PRO A 187 -8.17 -11.49 0.56
N SER A 188 -7.97 -12.64 -0.10
CA SER A 188 -6.66 -13.29 -0.07
C SER A 188 -6.43 -14.15 -1.31
N VAL A 189 -5.16 -14.50 -1.52
CA VAL A 189 -4.80 -15.36 -2.64
C VAL A 189 -5.49 -16.70 -2.53
N ARG A 190 -5.38 -17.36 -1.36
CA ARG A 190 -6.00 -18.66 -1.18
C ARG A 190 -7.51 -18.59 -1.36
N ASN A 191 -8.13 -17.47 -0.99
CA ASN A 191 -9.57 -17.36 -1.19
C ASN A 191 -9.90 -17.22 -2.67
N GLY A 192 -9.12 -16.43 -3.41
CA GLY A 192 -9.35 -16.31 -4.83
C GLY A 192 -9.11 -17.60 -5.58
N ASN A 193 -8.16 -18.41 -5.12
CA ASN A 193 -7.90 -19.70 -5.76
C ASN A 193 -9.13 -20.59 -5.75
N GLU A 194 -9.84 -20.63 -4.62
CA GLU A 194 -11.03 -21.46 -4.50
C GLU A 194 -12.16 -20.94 -5.38
N ILE A 195 -12.36 -19.62 -5.43
CA ILE A 195 -13.41 -19.06 -6.27
C ILE A 195 -13.05 -19.24 -7.74
N ALA A 196 -11.81 -18.92 -8.12
CA ALA A 196 -11.36 -19.14 -9.50
C ALA A 196 -11.54 -20.60 -9.94
N ALA A 197 -11.19 -21.56 -9.08
CA ALA A 197 -11.43 -22.96 -9.43
C ALA A 197 -12.92 -23.23 -9.67
N CYS A 198 -13.79 -22.71 -8.80
CA CYS A 198 -15.23 -22.89 -8.98
C CYS A 198 -15.69 -22.29 -10.31
N LEU A 199 -15.24 -21.07 -10.63
CA LEU A 199 -15.64 -20.44 -11.88
C LEU A 199 -15.10 -21.21 -13.09
N THR A 200 -13.84 -21.65 -13.03
CA THR A 200 -13.26 -22.45 -14.11
C THR A 200 -14.01 -23.76 -14.31
N LYS A 201 -14.37 -24.43 -13.21
CA LYS A 201 -15.18 -25.64 -13.29
C LYS A 201 -16.44 -25.42 -14.12
N ALA A 202 -17.13 -24.31 -13.86
CA ALA A 202 -18.33 -23.91 -14.61
C ALA A 202 -18.00 -23.39 -16.01
N GLY A 203 -16.77 -23.55 -16.52
CA GLY A 203 -16.45 -23.18 -17.88
C GLY A 203 -16.08 -21.73 -18.12
N LYS A 204 -15.82 -20.94 -17.08
CA LYS A 204 -15.40 -19.57 -17.30
C LYS A 204 -13.88 -19.49 -17.47
N ARG A 205 -13.43 -18.44 -18.13
CA ARG A 205 -12.01 -18.17 -18.30
C ARG A 205 -11.59 -17.15 -17.26
N VAL A 206 -10.68 -17.54 -16.36
CA VAL A 206 -10.31 -16.75 -15.19
C VAL A 206 -8.83 -16.39 -15.27
N ILE A 207 -8.52 -15.12 -15.01
CA ILE A 207 -7.16 -14.67 -14.73
C ILE A 207 -7.11 -14.27 -13.26
N GLN A 208 -6.08 -14.74 -12.55
CA GLN A 208 -5.89 -14.45 -11.14
C GLN A 208 -4.74 -13.48 -10.93
N LEU A 209 -4.96 -12.42 -10.14
CA LEU A 209 -3.97 -11.40 -9.86
C LEU A 209 -3.68 -11.29 -8.37
N SER A 210 -2.39 -11.19 -8.04
CA SER A 210 -1.97 -10.88 -6.68
C SER A 210 -0.62 -10.17 -6.77
N ARG A 211 -0.08 -9.79 -5.61
CA ARG A 211 1.27 -9.21 -5.61
C ARG A 211 2.28 -10.15 -6.26
N LYS A 212 2.16 -11.45 -5.97
CA LYS A 212 3.14 -12.45 -6.43
C LYS A 212 3.06 -12.71 -7.93
N THR A 213 1.88 -12.54 -8.54
CA THR A 213 1.69 -12.90 -9.93
C THR A 213 1.39 -11.72 -10.84
N PHE A 214 1.34 -10.49 -10.32
CA PHE A 214 0.81 -9.37 -11.10
C PHE A 214 1.57 -9.16 -12.40
N GLU A 215 2.91 -9.18 -12.33
CA GLU A 215 3.73 -8.87 -13.49
C GLU A 215 3.32 -9.70 -14.71
N THR A 216 3.42 -11.02 -14.61
CA THR A 216 3.11 -11.88 -15.73
C THR A 216 1.61 -11.93 -16.01
N GLU A 217 0.77 -11.90 -14.97
CA GLU A 217 -0.65 -12.17 -15.20
C GLU A 217 -1.40 -10.95 -15.71
N PHE A 218 -1.06 -9.74 -15.25
CA PHE A 218 -1.87 -8.59 -15.63
C PHE A 218 -1.81 -8.31 -17.12
N GLN A 219 -0.68 -8.58 -17.78
CA GLN A 219 -0.63 -8.33 -19.21
C GLN A 219 -1.60 -9.23 -19.96
N LYS A 220 -1.86 -10.44 -19.43
CA LYS A 220 -2.82 -11.36 -20.05
C LYS A 220 -4.22 -10.74 -20.14
N THR A 221 -4.61 -9.97 -19.12
CA THR A 221 -5.90 -9.29 -19.14
C THR A 221 -5.99 -8.32 -20.29
N LYS A 222 -4.84 -7.88 -20.79
CA LYS A 222 -4.79 -6.97 -21.94
C LYS A 222 -4.89 -7.71 -23.27
N HIS A 223 -4.49 -8.98 -23.33
CA HIS A 223 -4.29 -9.63 -24.62
C HIS A 223 -5.08 -10.91 -24.83
N GLN A 224 -5.52 -11.59 -23.76
CA GLN A 224 -6.39 -12.76 -23.91
C GLN A 224 -7.84 -12.38 -23.61
N GLU A 225 -8.76 -13.21 -24.12
CA GLU A 225 -10.14 -13.13 -23.69
C GLU A 225 -10.24 -13.59 -22.24
N TRP A 226 -11.19 -13.03 -21.51
CA TRP A 226 -11.42 -13.52 -20.16
C TRP A 226 -12.82 -13.11 -19.71
N ASP A 227 -13.39 -13.94 -18.85
CA ASP A 227 -14.69 -13.70 -18.22
C ASP A 227 -14.54 -13.04 -16.86
N PHE A 228 -13.57 -13.51 -16.07
CA PHE A 228 -13.34 -13.01 -14.73
C PHE A 228 -11.87 -12.73 -14.51
N VAL A 229 -11.58 -11.61 -13.87
CA VAL A 229 -10.32 -11.38 -13.17
C VAL A 229 -10.63 -11.54 -11.70
N VAL A 230 -9.98 -12.49 -11.04
CA VAL A 230 -10.10 -12.66 -9.60
C VAL A 230 -8.82 -12.10 -8.97
N THR A 231 -8.94 -10.99 -8.23
CA THR A 231 -7.80 -10.21 -7.79
C THR A 231 -7.88 -9.87 -6.31
N THR A 232 -6.73 -9.89 -5.64
CA THR A 232 -6.58 -9.25 -4.34
C THR A 232 -6.57 -7.72 -4.50
N ASP A 233 -6.45 -7.02 -3.37
CA ASP A 233 -6.42 -5.57 -3.47
C ASP A 233 -5.18 -5.05 -4.19
N ILE A 234 -4.32 -5.92 -4.73
CA ILE A 234 -3.26 -5.46 -5.63
C ILE A 234 -3.84 -4.51 -6.69
N SER A 235 -5.04 -4.81 -7.18
CA SER A 235 -5.60 -4.07 -8.31
C SER A 235 -6.39 -2.82 -7.90
N GLU A 236 -6.34 -2.41 -6.63
CA GLU A 236 -7.04 -1.19 -6.22
C GLU A 236 -6.40 0.08 -6.80
N MET A 237 -5.11 0.02 -7.13
CA MET A 237 -4.36 1.17 -7.62
C MET A 237 -3.52 0.74 -8.81
N GLY A 238 -3.53 1.55 -9.86
CA GLY A 238 -2.67 1.28 -11.00
C GLY A 238 -2.99 -0.01 -11.72
N ALA A 239 -4.28 -0.29 -11.92
CA ALA A 239 -4.71 -1.48 -12.65
C ALA A 239 -6.03 -1.14 -13.31
N ASN A 240 -6.11 -1.26 -14.63
CA ASN A 240 -7.35 -0.93 -15.30
C ASN A 240 -7.73 -2.03 -16.28
N PHE A 241 -9.02 -2.28 -16.37
CA PHE A 241 -9.57 -3.42 -17.10
C PHE A 241 -10.70 -2.96 -17.99
N LYS A 242 -10.92 -3.69 -19.08
CA LYS A 242 -12.07 -3.42 -19.93
C LYS A 242 -13.23 -4.29 -19.45
N ALA A 243 -13.83 -3.87 -18.34
CA ALA A 243 -14.82 -4.66 -17.63
C ALA A 243 -16.14 -3.91 -17.59
N ASP A 244 -17.22 -4.64 -17.28
CA ASP A 244 -18.52 -4.00 -17.08
C ASP A 244 -19.17 -4.42 -15.77
N ARG A 245 -18.44 -5.12 -14.90
CA ARG A 245 -18.98 -5.54 -13.61
C ARG A 245 -17.84 -5.69 -12.62
N VAL A 246 -18.06 -5.24 -11.40
CA VAL A 246 -17.20 -5.56 -10.28
C VAL A 246 -18.04 -6.27 -9.24
N ILE A 247 -17.55 -7.41 -8.78
CA ILE A 247 -18.08 -8.10 -7.61
C ILE A 247 -17.13 -7.85 -6.46
N ASP A 248 -17.64 -7.34 -5.34
CA ASP A 248 -16.78 -6.93 -4.25
C ASP A 248 -17.24 -7.57 -2.96
N SER A 249 -16.46 -8.56 -2.49
CA SER A 249 -16.64 -9.11 -1.15
C SER A 249 -16.70 -8.04 -0.07
N ARG A 250 -16.06 -6.90 -0.32
CA ARG A 250 -15.92 -5.83 0.66
C ARG A 250 -15.18 -6.29 1.91
N ARG A 251 -14.28 -7.26 1.76
CA ARG A 251 -13.46 -7.71 2.87
C ARG A 251 -12.00 -7.73 2.46
N CYS A 252 -11.14 -7.74 3.47
CA CYS A 252 -9.69 -7.72 3.30
C CYS A 252 -9.07 -8.39 4.52
N LEU A 253 -7.80 -8.75 4.39
CA LEU A 253 -6.97 -9.08 5.53
C LEU A 253 -6.10 -7.87 5.86
N LYS A 254 -5.96 -7.57 7.15
CA LYS A 254 -5.10 -6.45 7.54
C LYS A 254 -4.32 -6.77 8.81
N PRO A 255 -3.05 -6.37 8.89
CA PRO A 255 -2.29 -6.64 10.12
C PRO A 255 -2.93 -5.91 11.28
N VAL A 256 -3.09 -6.62 12.39
CA VAL A 256 -3.68 -6.08 13.61
C VAL A 256 -2.77 -6.48 14.75
N ILE A 257 -2.56 -5.56 15.69
CA ILE A 257 -1.77 -5.84 16.88
C ILE A 257 -2.72 -6.30 17.97
N LEU A 258 -2.50 -7.51 18.48
CA LEU A 258 -3.33 -8.06 19.53
C LEU A 258 -2.69 -7.78 20.88
N ASP A 259 -3.39 -7.02 21.73
CA ASP A 259 -2.99 -6.75 23.12
C ASP A 259 -1.61 -6.11 23.22
N GLY A 260 -1.17 -5.38 22.19
CA GLY A 260 0.18 -4.85 22.21
C GLY A 260 1.28 -5.89 22.15
N GLU A 261 0.94 -7.17 21.97
CA GLU A 261 1.88 -8.27 22.17
C GLU A 261 2.38 -8.90 20.89
N ARG A 262 1.52 -8.98 19.86
CA ARG A 262 1.86 -9.67 18.63
C ARG A 262 1.00 -9.10 17.51
N VAL A 263 1.36 -9.46 16.28
CA VAL A 263 0.66 -9.01 15.09
C VAL A 263 0.11 -10.25 14.39
N ILE A 264 -1.19 -10.20 14.10
CA ILE A 264 -1.88 -11.23 13.33
C ILE A 264 -2.37 -10.60 12.04
N LEU A 265 -2.57 -11.43 11.02
CA LEU A 265 -3.25 -10.98 9.81
C LEU A 265 -4.73 -11.24 10.03
N ALA A 266 -5.41 -10.27 10.63
CA ALA A 266 -6.80 -10.43 11.02
C ALA A 266 -7.72 -10.42 9.80
N GLY A 267 -8.87 -11.07 9.96
CA GLY A 267 -9.92 -11.06 8.99
C GLY A 267 -10.20 -12.42 8.38
N PRO A 268 -10.92 -12.44 7.25
CA PRO A 268 -11.37 -11.26 6.50
C PRO A 268 -12.32 -10.32 7.25
N MET A 269 -12.10 -9.01 7.09
CA MET A 269 -12.89 -8.00 7.77
C MET A 269 -13.25 -6.88 6.80
N PRO A 270 -14.21 -6.01 7.14
CA PRO A 270 -14.63 -4.96 6.19
C PRO A 270 -13.46 -4.11 5.68
N VAL A 271 -13.51 -3.79 4.38
CA VAL A 271 -12.58 -2.81 3.82
C VAL A 271 -12.99 -1.41 4.27
N THR A 272 -12.02 -0.49 4.20
CA THR A 272 -12.31 0.94 4.38
C THR A 272 -13.15 1.47 3.22
N HIS A 273 -13.75 2.65 3.45
CA HIS A 273 -14.45 3.34 2.37
C HIS A 273 -13.53 3.63 1.20
N ALA A 274 -12.30 4.05 1.48
CA ALA A 274 -11.38 4.39 0.40
C ALA A 274 -11.14 3.18 -0.48
N SER A 275 -10.98 1.99 0.12
CA SER A 275 -10.70 0.80 -0.67
C SER A 275 -11.94 0.35 -1.46
N ALA A 276 -13.12 0.44 -0.86
CA ALA A 276 -14.33 0.13 -1.61
C ALA A 276 -14.49 1.07 -2.81
N ALA A 277 -14.16 2.36 -2.62
CA ALA A 277 -14.23 3.32 -3.72
C ALA A 277 -13.26 2.97 -4.84
N GLN A 278 -12.03 2.55 -4.48
CA GLN A 278 -11.07 2.08 -5.49
C GLN A 278 -11.57 0.84 -6.22
N ARG A 279 -12.08 -0.15 -5.47
CA ARG A 279 -12.54 -1.39 -6.11
C ARG A 279 -13.70 -1.10 -7.07
N ARG A 280 -14.74 -0.42 -6.58
CA ARG A 280 -15.83 0.03 -7.44
C ARG A 280 -15.30 0.83 -8.61
N GLY A 281 -14.25 1.62 -8.39
CA GLY A 281 -13.69 2.51 -9.39
C GLY A 281 -13.04 1.82 -10.58
N ARG A 282 -12.96 0.49 -10.58
CA ARG A 282 -12.46 -0.20 -11.77
C ARG A 282 -13.44 -0.11 -12.93
N ILE A 283 -14.73 0.11 -12.68
CA ILE A 283 -15.71 0.19 -13.77
C ILE A 283 -16.35 1.58 -13.77
N GLY A 284 -17.26 1.82 -14.72
CA GLY A 284 -17.81 3.14 -14.89
C GLY A 284 -16.84 4.12 -15.49
N ARG A 285 -15.78 3.64 -16.12
CA ARG A 285 -14.71 4.49 -16.62
C ARG A 285 -14.89 4.93 -18.06
N ASN A 286 -15.76 4.26 -18.82
CA ASN A 286 -15.85 4.48 -20.26
C ASN A 286 -17.20 5.05 -20.62
N PRO A 287 -17.31 6.34 -20.96
CA PRO A 287 -18.63 6.93 -21.25
C PRO A 287 -19.29 6.32 -22.48
N ASN A 288 -18.53 5.65 -23.35
CA ASN A 288 -19.09 5.04 -24.53
C ASN A 288 -19.68 3.66 -24.25
N LYS A 289 -19.32 3.07 -23.13
CA LYS A 289 -19.81 1.74 -22.74
C LYS A 289 -20.53 1.87 -21.40
N PRO A 290 -21.72 2.49 -21.36
CA PRO A 290 -22.48 2.58 -20.11
C PRO A 290 -23.05 1.22 -19.72
N GLY A 291 -23.61 1.17 -18.51
CA GLY A 291 -24.25 -0.04 -18.03
C GLY A 291 -23.47 -0.83 -17.02
N ASP A 292 -22.34 -0.32 -16.55
CA ASP A 292 -21.49 -1.06 -15.63
C ASP A 292 -22.20 -1.25 -14.28
N GLU A 293 -21.88 -2.33 -13.60
CA GLU A 293 -22.53 -2.62 -12.33
C GLU A 293 -21.51 -2.96 -11.25
N TYR A 294 -21.81 -2.53 -10.03
CA TYR A 294 -20.99 -2.84 -8.85
C TYR A 294 -21.87 -3.62 -7.88
N LEU A 295 -21.52 -4.89 -7.66
CA LEU A 295 -22.24 -5.78 -6.76
C LEU A 295 -21.38 -6.05 -5.52
N TYR A 296 -21.81 -5.55 -4.37
CA TYR A 296 -21.00 -5.63 -3.16
C TYR A 296 -21.74 -6.36 -2.03
N GLY A 297 -20.97 -6.98 -1.14
CA GLY A 297 -21.52 -7.93 -0.19
C GLY A 297 -21.57 -7.54 1.27
N GLY A 298 -21.25 -6.30 1.62
CA GLY A 298 -21.39 -5.87 3.00
C GLY A 298 -20.95 -4.43 3.16
N GLY A 299 -20.93 -3.96 4.41
CA GLY A 299 -20.54 -2.59 4.68
C GLY A 299 -19.03 -2.39 4.70
N CYS A 300 -18.63 -1.12 4.78
CA CYS A 300 -17.23 -0.78 4.99
C CYS A 300 -16.91 -0.65 6.47
N ALA A 301 -15.62 -0.69 6.78
CA ALA A 301 -15.15 -0.58 8.16
C ALA A 301 -15.38 0.83 8.67
N GLU A 302 -16.02 0.93 9.82
CA GLU A 302 -16.35 2.25 10.33
C GLU A 302 -15.18 2.83 11.13
N THR A 303 -14.35 1.98 11.72
CA THR A 303 -13.15 2.40 12.44
C THR A 303 -11.98 1.59 11.93
N ASP A 304 -10.96 2.27 11.46
CA ASP A 304 -9.73 1.62 11.05
C ASP A 304 -8.67 1.65 12.15
N GLU A 305 -9.02 2.07 13.36
CA GLU A 305 -8.00 2.25 14.39
C GLU A 305 -7.36 0.95 14.83
N ASP A 306 -8.04 -0.18 14.61
CA ASP A 306 -7.43 -1.47 14.92
C ASP A 306 -6.29 -1.83 13.97
N HIS A 307 -6.26 -1.22 12.78
CA HIS A 307 -5.18 -1.47 11.83
C HIS A 307 -3.82 -1.10 12.41
N ALA A 308 -2.88 -2.06 12.34
CA ALA A 308 -1.51 -1.83 12.81
C ALA A 308 -0.79 -0.72 12.05
N HIS A 309 -1.19 -0.41 10.82
CA HIS A 309 -0.40 0.55 10.06
C HIS A 309 -0.41 1.93 10.71
N TRP A 310 -1.47 2.27 11.45
CA TRP A 310 -1.53 3.57 12.12
C TRP A 310 -0.44 3.71 13.18
N LEU A 311 -0.32 2.72 14.07
CA LEU A 311 0.75 2.77 15.06
C LEU A 311 2.13 2.66 14.40
N GLU A 312 2.24 1.89 13.32
CA GLU A 312 3.53 1.76 12.67
C GLU A 312 3.96 3.06 12.00
N ALA A 313 2.99 3.83 11.49
CA ALA A 313 3.30 5.15 10.94
C ALA A 313 3.90 6.06 12.00
N ARG A 314 3.34 6.03 13.22
CA ARG A 314 3.92 6.80 14.32
C ARG A 314 5.29 6.28 14.72
N MET A 315 5.53 4.96 14.58
CA MET A 315 6.86 4.47 14.89
C MET A 315 7.88 5.07 13.94
N LEU A 316 7.54 5.15 12.64
CA LEU A 316 8.41 5.80 11.67
C LEU A 316 8.55 7.29 11.97
N LEU A 317 7.43 7.98 12.10
CA LEU A 317 7.48 9.44 12.20
C LEU A 317 8.13 9.90 13.49
N ASP A 318 7.96 9.16 14.60
CA ASP A 318 8.59 9.55 15.85
C ASP A 318 10.10 9.51 15.76
N ASN A 319 10.63 8.83 14.75
CA ASN A 319 12.06 8.61 14.58
C ASN A 319 12.59 9.29 13.34
N ILE A 320 11.79 10.12 12.68
CA ILE A 320 12.23 10.89 11.53
C ILE A 320 12.64 12.27 12.02
N TYR A 321 13.90 12.63 11.79
CA TYR A 321 14.42 13.90 12.27
C TYR A 321 13.85 15.04 11.47
N LEU A 322 13.38 16.08 12.15
CA LEU A 322 12.83 17.22 11.45
C LEU A 322 13.79 18.41 11.53
N GLN A 323 13.82 19.08 12.68
CA GLN A 323 14.67 20.24 12.88
C GLN A 323 14.93 20.33 14.37
N ASP A 324 16.20 20.42 14.76
CA ASP A 324 16.63 20.46 16.16
C ASP A 324 15.73 19.64 17.08
N GLY A 325 15.39 18.42 16.67
CA GLY A 325 14.68 17.52 17.56
C GLY A 325 13.18 17.68 17.60
N LEU A 326 12.58 18.38 16.64
CA LEU A 326 11.13 18.40 16.55
C LEU A 326 10.63 17.07 15.96
N ILE A 327 9.36 16.77 16.18
CA ILE A 327 8.76 15.53 15.70
C ILE A 327 7.50 15.87 14.91
N ALA A 328 7.42 15.36 13.68
CA ALA A 328 6.25 15.63 12.85
C ALA A 328 5.03 14.90 13.37
N SER A 329 3.87 15.51 13.14
CA SER A 329 2.58 14.93 13.47
C SER A 329 1.98 14.23 12.26
N LEU A 330 1.15 13.22 12.52
CA LEU A 330 0.34 12.67 11.46
C LEU A 330 -0.48 13.77 10.79
N TYR A 331 -0.78 13.57 9.50
CA TYR A 331 -1.69 14.44 8.79
C TYR A 331 -3.00 14.54 9.57
N ARG A 332 -3.40 15.77 9.91
CA ARG A 332 -4.48 16.02 10.89
C ARG A 332 -5.73 15.17 10.68
N PRO A 333 -6.33 15.10 9.48
CA PRO A 333 -7.52 14.24 9.31
C PRO A 333 -7.32 12.78 9.70
N GLU A 334 -6.07 12.31 9.83
CA GLU A 334 -5.81 10.92 10.22
C GLU A 334 -5.19 10.81 11.59
N ALA A 335 -4.92 11.92 12.27
CA ALA A 335 -4.14 11.87 13.50
C ALA A 335 -4.87 11.16 14.63
N ASP A 336 -6.21 11.13 14.60
CA ASP A 336 -6.99 10.49 15.67
C ASP A 336 -7.03 8.97 15.55
N LYS A 337 -6.31 8.37 14.60
CA LYS A 337 -6.30 6.91 14.49
C LYS A 337 -5.31 6.26 15.43
N VAL A 338 -4.50 7.05 16.15
CA VAL A 338 -3.51 6.55 17.10
C VAL A 338 -3.67 7.32 18.39
N ALA A 339 -3.80 6.61 19.51
CA ALA A 339 -3.98 7.28 20.79
C ALA A 339 -2.68 7.43 21.59
N ALA A 340 -1.55 7.04 21.02
CA ALA A 340 -0.29 7.08 21.77
C ALA A 340 0.20 8.51 21.94
N ILE A 341 0.80 8.79 23.10
CA ILE A 341 1.27 10.15 23.39
C ILE A 341 2.37 10.54 22.42
N GLU A 342 2.52 11.85 22.21
CA GLU A 342 3.56 12.37 21.34
C GLU A 342 4.93 11.85 21.76
N GLY A 343 5.71 11.40 20.79
CA GLY A 343 7.09 10.98 21.02
C GLY A 343 7.26 9.63 21.69
N GLU A 344 6.17 8.91 21.91
CA GLU A 344 6.22 7.64 22.62
C GLU A 344 7.18 6.63 21.99
N PHE A 345 7.38 6.70 20.66
CA PHE A 345 8.17 5.68 19.96
C PHE A 345 9.53 6.19 19.52
N LYS A 346 9.91 7.39 19.92
CA LYS A 346 11.24 7.91 19.58
C LYS A 346 12.30 7.11 20.32
N LEU A 347 13.24 6.52 19.57
CA LEU A 347 14.29 5.72 20.15
C LEU A 347 15.56 6.56 20.32
N ARG A 348 16.34 6.24 21.34
CA ARG A 348 17.63 6.91 21.46
C ARG A 348 18.55 6.48 20.31
N THR A 349 19.67 7.20 20.17
CA THR A 349 20.49 7.15 18.95
C THR A 349 20.78 5.72 18.47
N GLU A 350 21.34 4.88 19.34
CA GLU A 350 21.81 3.56 18.89
C GLU A 350 20.66 2.61 18.56
N GLN A 351 19.69 2.48 19.48
CA GLN A 351 18.52 1.65 19.19
C GLN A 351 17.81 2.12 17.91
N ARG A 352 17.84 3.41 17.63
CA ARG A 352 17.21 3.95 16.43
C ARG A 352 17.89 3.47 15.17
N LYS A 353 19.23 3.48 15.14
CA LYS A 353 19.94 2.96 13.98
C LYS A 353 19.62 1.49 13.75
N THR A 354 19.44 0.73 14.83
CA THR A 354 19.12 -0.68 14.70
C THR A 354 17.73 -0.88 14.09
N PHE A 355 16.72 -0.21 14.66
CA PHE A 355 15.38 -0.16 14.07
C PHE A 355 15.42 0.17 12.57
N VAL A 356 16.16 1.21 12.19
CA VAL A 356 16.27 1.59 10.78
C VAL A 356 16.91 0.46 9.96
N GLU A 357 17.98 -0.17 10.48
CA GLU A 357 18.64 -1.23 9.72
C GLU A 357 17.78 -2.48 9.67
N LEU A 358 17.09 -2.80 10.76
CA LEU A 358 16.15 -3.92 10.76
C LEU A 358 15.10 -3.78 9.66
N MET A 359 14.66 -2.54 9.39
CA MET A 359 13.63 -2.32 8.38
C MET A 359 14.19 -2.33 6.98
N LYS A 360 15.34 -1.69 6.76
CA LYS A 360 15.83 -1.53 5.39
C LYS A 360 16.57 -2.78 4.94
N ARG A 361 17.77 -3.01 5.49
CA ARG A 361 18.49 -4.24 5.20
C ARG A 361 17.74 -5.47 5.70
N GLY A 362 17.16 -5.39 6.90
CA GLY A 362 16.53 -6.57 7.46
C GLY A 362 15.20 -6.94 6.85
N ASP A 363 14.54 -5.98 6.21
CA ASP A 363 13.18 -6.13 5.65
C ASP A 363 12.20 -6.73 6.66
N LEU A 364 12.30 -6.28 7.91
CA LEU A 364 11.29 -6.64 8.90
C LEU A 364 10.16 -5.63 8.88
N PRO A 365 8.93 -6.05 9.20
CA PRO A 365 7.85 -5.08 9.41
C PRO A 365 8.22 -4.07 10.49
N VAL A 366 7.61 -2.88 10.39
CA VAL A 366 7.92 -1.79 11.31
C VAL A 366 7.72 -2.24 12.75
N TRP A 367 6.54 -2.79 13.06
CA TRP A 367 6.26 -3.16 14.45
C TRP A 367 7.28 -4.13 14.99
N LEU A 368 7.66 -5.13 14.20
CA LEU A 368 8.61 -6.14 14.64
C LEU A 368 10.00 -5.54 14.84
N ALA A 369 10.47 -4.79 13.84
CA ALA A 369 11.77 -4.13 13.96
C ALA A 369 11.84 -3.30 15.23
N TYR A 370 10.74 -2.63 15.58
CA TYR A 370 10.73 -1.79 16.76
C TYR A 370 10.86 -2.64 18.03
N GLN A 371 10.17 -3.79 18.09
CA GLN A 371 10.30 -4.65 19.27
C GLN A 371 11.75 -5.09 19.45
N VAL A 372 12.40 -5.51 18.36
CA VAL A 372 13.78 -5.97 18.45
C VAL A 372 14.69 -4.82 18.87
N ALA A 373 14.71 -3.74 18.11
CA ALA A 373 15.60 -2.63 18.44
C ALA A 373 15.38 -2.13 19.86
N SER A 374 14.12 -1.98 20.25
CA SER A 374 13.86 -1.36 21.56
C SER A 374 14.15 -2.30 22.71
N ALA A 375 14.48 -3.55 22.41
CA ALA A 375 14.98 -4.48 23.41
C ALA A 375 16.50 -4.46 23.56
N GLY A 376 17.21 -3.62 22.82
CA GLY A 376 18.66 -3.59 22.92
C GLY A 376 19.40 -4.64 22.11
N ILE A 377 18.71 -5.32 21.21
CA ILE A 377 19.33 -6.34 20.38
C ILE A 377 20.00 -5.68 19.18
N THR A 378 21.21 -6.14 18.85
CA THR A 378 21.94 -5.59 17.73
C THR A 378 21.50 -6.26 16.43
N TYR A 379 21.76 -5.57 15.30
CA TYR A 379 21.16 -5.97 14.02
C TYR A 379 21.48 -7.42 13.66
N THR A 380 22.71 -7.86 13.92
CA THR A 380 23.24 -9.15 13.47
C THR A 380 23.02 -10.28 14.48
N ASP A 381 22.49 -9.98 15.66
CA ASP A 381 22.24 -10.97 16.70
C ASP A 381 20.85 -11.58 16.48
N ARG A 382 20.79 -12.82 15.99
CA ARG A 382 19.55 -13.44 15.55
C ARG A 382 18.99 -14.45 16.55
N ARG A 383 19.54 -14.48 17.77
CA ARG A 383 19.10 -15.46 18.77
C ARG A 383 17.62 -15.32 19.08
N TRP A 384 17.08 -14.09 19.05
CA TRP A 384 15.66 -13.89 19.32
C TRP A 384 14.77 -14.64 18.31
N CYS A 385 15.30 -15.00 17.14
CA CYS A 385 14.48 -15.74 16.18
C CYS A 385 14.10 -17.15 16.66
N PHE A 386 14.72 -17.64 17.73
CA PHE A 386 14.56 -19.03 18.12
C PHE A 386 14.09 -19.23 19.56
N ASP A 387 13.97 -18.17 20.37
CA ASP A 387 13.76 -18.36 21.80
C ASP A 387 12.43 -17.78 22.28
N GLY A 388 11.44 -17.64 21.40
CA GLY A 388 10.12 -17.24 21.83
C GLY A 388 9.40 -18.35 22.61
N THR A 389 8.16 -18.05 22.99
CA THR A 389 7.30 -19.04 23.62
C THR A 389 6.78 -20.02 22.56
N THR A 390 6.28 -21.17 23.02
CA THR A 390 5.92 -22.24 22.08
C THR A 390 4.85 -21.79 21.10
N ASN A 391 3.90 -20.96 21.55
CA ASN A 391 2.85 -20.48 20.66
C ASN A 391 3.37 -19.51 19.60
N ASN A 392 4.66 -19.15 19.64
CA ASN A 392 5.28 -18.33 18.59
C ASN A 392 5.96 -19.18 17.53
N THR A 393 5.83 -20.50 17.61
CA THR A 393 6.46 -21.41 16.66
C THR A 393 5.89 -21.21 15.26
N ILE A 394 6.77 -20.97 14.30
CA ILE A 394 6.36 -20.81 12.91
C ILE A 394 6.26 -22.17 12.25
N MET A 395 5.11 -22.43 11.63
CA MET A 395 4.82 -23.69 10.96
C MET A 395 5.11 -23.60 9.48
N GLU A 396 5.59 -24.71 8.93
CA GLU A 396 5.69 -24.91 7.49
C GLU A 396 5.08 -26.26 7.17
N ASP A 397 4.03 -26.26 6.34
CA ASP A 397 3.29 -27.47 6.02
C ASP A 397 2.84 -28.18 7.29
N SER A 398 2.33 -27.40 8.24
CA SER A 398 1.87 -27.88 9.54
C SER A 398 2.98 -28.51 10.38
N VAL A 399 4.22 -28.40 9.95
CA VAL A 399 5.34 -28.88 10.78
C VAL A 399 6.19 -27.67 11.17
N PRO A 400 6.71 -27.62 12.41
CA PRO A 400 7.62 -26.52 12.79
C PRO A 400 8.71 -26.27 11.76
N ALA A 401 8.72 -25.07 11.21
CA ALA A 401 9.73 -24.69 10.23
C ALA A 401 11.09 -24.67 10.91
N GLU A 402 12.13 -24.94 10.13
CA GLU A 402 13.47 -25.08 10.67
C GLU A 402 14.47 -24.31 9.81
N VAL A 403 15.60 -23.98 10.44
CA VAL A 403 16.58 -23.08 9.88
C VAL A 403 17.96 -23.54 10.30
N TRP A 404 18.91 -23.50 9.36
CA TRP A 404 20.32 -23.71 9.67
C TRP A 404 20.92 -22.36 10.04
N THR A 405 21.33 -22.20 11.30
CA THR A 405 21.79 -20.91 11.78
C THR A 405 23.22 -20.64 11.34
N ARG A 406 23.64 -19.38 11.53
CA ARG A 406 25.03 -19.02 11.25
C ARG A 406 26.02 -19.88 12.04
N HIS A 407 25.57 -20.52 13.13
CA HIS A 407 26.39 -21.38 13.95
C HIS A 407 26.27 -22.86 13.57
N GLY A 408 25.79 -23.16 12.36
CA GLY A 408 25.73 -24.53 11.90
C GLY A 408 24.85 -25.42 12.74
N GLU A 409 23.76 -24.90 13.29
CA GLU A 409 22.81 -25.71 14.04
C GLU A 409 21.44 -25.56 13.42
N LYS A 410 20.69 -26.65 13.43
CA LYS A 410 19.34 -26.67 12.88
C LYS A 410 18.39 -26.35 14.02
N ARG A 411 17.66 -25.26 13.88
CA ARG A 411 16.80 -24.78 14.97
C ARG A 411 15.41 -24.48 14.44
N VAL A 412 14.42 -24.66 15.32
CA VAL A 412 13.04 -24.39 14.99
C VAL A 412 12.79 -22.89 15.10
N LEU A 413 12.15 -22.33 14.08
CA LEU A 413 11.81 -20.91 14.01
C LEU A 413 10.76 -20.58 15.07
N LYS A 414 11.15 -19.86 16.10
CA LYS A 414 10.25 -19.51 17.19
C LYS A 414 10.62 -18.12 17.69
N PRO A 415 10.24 -17.08 16.96
CA PRO A 415 10.74 -15.72 17.28
C PRO A 415 10.17 -15.20 18.59
N ARG A 416 11.01 -14.41 19.29
CA ARG A 416 10.60 -13.86 20.58
C ARG A 416 9.39 -12.95 20.44
N TRP A 417 9.24 -12.29 19.29
CA TRP A 417 8.06 -11.50 18.97
C TRP A 417 7.45 -12.06 17.69
N MET A 418 6.15 -12.40 17.75
CA MET A 418 5.45 -12.98 16.62
C MET A 418 4.73 -11.91 15.82
N ASP A 419 5.06 -11.80 14.54
CA ASP A 419 4.42 -10.90 13.58
C ASP A 419 4.08 -11.77 12.38
N ALA A 420 2.78 -12.03 12.16
CA ALA A 420 2.36 -13.01 11.15
C ALA A 420 2.84 -12.65 9.75
N ARG A 421 3.32 -11.44 9.52
CA ARG A 421 3.71 -11.07 8.17
C ARG A 421 5.01 -11.75 7.74
N VAL A 422 5.84 -12.21 8.68
CA VAL A 422 7.09 -12.88 8.31
C VAL A 422 6.88 -14.30 7.82
N CYS A 423 5.64 -14.81 7.84
CA CYS A 423 5.38 -16.17 7.40
C CYS A 423 3.95 -16.30 6.89
N SER A 424 3.41 -15.22 6.32
CA SER A 424 2.03 -15.24 5.85
C SER A 424 1.89 -15.93 4.50
N ASP A 425 2.97 -15.97 3.71
CA ASP A 425 3.00 -16.79 2.50
C ASP A 425 4.43 -17.25 2.26
N HIS A 426 4.63 -17.97 1.17
CA HIS A 426 5.88 -18.72 0.99
C HIS A 426 7.08 -17.79 0.88
N ALA A 427 6.96 -16.70 0.12
CA ALA A 427 8.09 -15.79 -0.03
C ALA A 427 8.44 -15.10 1.29
N ALA A 428 7.44 -14.77 2.09
CA ALA A 428 7.70 -14.16 3.40
C ALA A 428 8.49 -15.11 4.30
N LEU A 429 8.03 -16.36 4.43
CA LEU A 429 8.75 -17.33 5.25
C LEU A 429 10.18 -17.49 4.76
N LYS A 430 10.37 -17.59 3.44
CA LYS A 430 11.71 -17.72 2.89
C LYS A 430 12.58 -16.55 3.26
N SER A 431 12.05 -15.32 3.16
CA SER A 431 12.83 -14.13 3.53
C SER A 431 13.20 -14.14 5.01
N PHE A 432 12.28 -14.58 5.88
CA PHE A 432 12.56 -14.57 7.32
C PHE A 432 13.53 -15.68 7.72
N LYS A 433 13.42 -16.84 7.08
CA LYS A 433 14.37 -17.92 7.31
C LYS A 433 15.80 -17.48 6.96
N GLU A 434 15.95 -16.80 5.84
CA GLU A 434 17.26 -16.23 5.51
C GLU A 434 17.72 -15.26 6.59
N PHE A 435 16.81 -14.42 7.09
CA PHE A 435 17.15 -13.53 8.19
C PHE A 435 17.57 -14.31 9.43
N ALA A 436 16.75 -15.28 9.84
CA ALA A 436 17.09 -16.05 11.03
C ALA A 436 18.42 -16.80 10.87
N ALA A 437 18.78 -17.17 9.64
CA ALA A 437 20.04 -17.86 9.36
C ALA A 437 21.24 -16.94 9.33
N GLY A 438 21.04 -15.62 9.48
CA GLY A 438 22.15 -14.70 9.44
C GLY A 438 22.67 -14.41 8.06
N LYS A 439 21.84 -14.57 7.03
CA LYS A 439 22.31 -14.41 5.66
C LYS A 439 22.24 -12.97 5.14
N ARG A 440 21.49 -12.08 5.81
CA ARG A 440 21.54 -10.65 5.48
C ARG A 440 21.45 -9.79 6.73
MN MN C . -4.63 7.34 -11.32
PG ATP D . -6.97 4.65 -9.83
O1G ATP D . -8.47 4.44 -9.77
O2G ATP D . -6.16 3.46 -10.34
O3G ATP D . -6.45 5.27 -8.55
PB ATP D . -8.03 6.78 -11.26
O1B ATP D . -9.30 6.00 -11.56
O2B ATP D . -7.99 7.86 -10.21
O3B ATP D . -6.81 5.75 -10.99
PA ATP D . -7.26 8.95 -12.72
O1A ATP D . -8.33 9.85 -12.10
O2A ATP D . -5.89 8.98 -12.08
O3A ATP D . -7.68 7.42 -12.68
O5' ATP D . -7.13 9.09 -14.34
C5' ATP D . -5.84 9.17 -14.99
#